data_4DVZ
#
_entry.id   4DVZ
#
_cell.length_a   95.671
_cell.length_b   95.671
_cell.length_c   167.924
_cell.angle_alpha   90.00
_cell.angle_beta   90.00
_cell.angle_gamma   120.00
#
_symmetry.space_group_name_H-M   'P 31 2 1'
#
_entity_poly.entity_id   1
_entity_poly.type   'polypeptide(L)'
_entity_poly.pdbx_seq_one_letter_code
;DLLDERGNFSKFTLGDMEMLDVEGVADIDPNYKFNQLLIHNNALSSVLMGSHNGIEPEKVSLLYAGNGGFGDKHDWNATV
GYKDQQGNNVATLINVHMKNGSGLVIAGGEKGINNPSFYLYKEDQLTGSQRALSQEEIRNKVDFMEFLAQNNTKLDNLSE
KEKEKFQNEIEDFQKDSKAYLDALGNDRIAFVSKKDTKHSALITEFNNGDLSYTLKDYGKKADKALDREKNVTLQGSLKH
DGVMFVDYSNFKYTNASKNPNKGVGATNGVSHLEAGFNKVAVFNLPDLNNLAITSFVRRNLENKLTAKGLSLQEANKLIK
DFLSSNKELAGKALNFNKAVAEAKSTGNYDEVKKAQKDLEKSLRKREHLEKEVEKKLESKSGNKNKMEAKAQANSQKDEI
FALINKEANRDARAIAYTQNLKGIKRELSDKLEKISKDLKDFSKSFDEFKNGKNKDFSKAEETLKALKGSVKDLGINPEW
ISKVENLNAALNEFKNGKNKDFSKVTQAKSDLENSVKDVIINQKVTDKVDNLNQAVSVAKAMGDFSRVEQVLADLKNFSK
EQLAQQAQK
;
_entity_poly.pdbx_strand_id   A
#
# COMPACT_ATOMS: atom_id res chain seq x y z
N LEU A 48 11.91 21.86 29.36
CA LEU A 48 10.57 21.54 29.88
C LEU A 48 9.47 22.23 29.07
N MET A 49 8.30 21.57 28.94
CA MET A 49 7.17 22.12 28.19
C MET A 49 5.90 22.23 29.05
N GLY A 50 5.02 23.14 28.67
CA GLY A 50 3.75 23.35 29.38
C GLY A 50 2.58 23.61 28.46
N SER A 51 1.41 22.99 28.77
CA SER A 51 0.17 23.17 28.01
C SER A 51 -0.82 24.16 28.66
N HIS A 52 -1.29 25.15 27.87
CA HIS A 52 -2.21 26.18 28.34
C HIS A 52 -3.49 26.21 27.55
N ASN A 53 -4.63 26.08 28.27
CA ASN A 53 -6.00 25.98 27.75
C ASN A 53 -6.76 27.33 27.74
N GLY A 54 -7.38 27.64 26.61
CA GLY A 54 -8.15 28.86 26.41
C GLY A 54 -8.73 28.98 25.02
N LYS A 59 -12.66 23.41 22.29
CA LYS A 59 -11.56 23.35 23.26
C LYS A 59 -10.18 23.39 22.56
N VAL A 60 -9.37 24.45 22.83
CA VAL A 60 -8.04 24.58 22.24
C VAL A 60 -6.97 24.79 23.30
N SER A 61 -6.07 23.80 23.47
CA SER A 61 -4.91 23.92 24.37
C SER A 61 -3.66 24.27 23.53
N LEU A 62 -2.55 24.70 24.19
CA LEU A 62 -1.30 25.11 23.54
C LEU A 62 -0.10 24.43 24.20
N LEU A 63 0.71 23.70 23.41
CA LEU A 63 1.93 23.04 23.86
C LEU A 63 3.13 23.91 23.45
N TYR A 64 4.01 24.28 24.41
CA TYR A 64 5.18 25.17 24.22
C TYR A 64 6.21 25.10 25.36
N ALA A 65 7.34 25.85 25.22
CA ALA A 65 8.41 25.95 26.23
C ALA A 65 8.90 27.38 26.43
N GLY A 71 13.54 29.26 21.07
CA GLY A 71 14.00 28.24 22.00
C GLY A 71 15.14 27.41 21.45
N ASP A 72 15.97 26.86 22.37
CA ASP A 72 17.16 26.04 22.07
C ASP A 72 16.83 24.63 21.60
N LYS A 73 16.82 23.61 22.50
CA LYS A 73 16.46 22.22 22.16
C LYS A 73 14.92 22.07 21.95
N HIS A 74 14.25 23.22 22.00
CA HIS A 74 12.84 23.45 21.79
C HIS A 74 12.70 23.78 20.29
N ASP A 75 12.36 22.75 19.48
CA ASP A 75 12.21 22.77 18.02
C ASP A 75 10.80 23.11 17.52
N TRP A 76 9.78 22.83 18.36
CA TRP A 76 8.36 23.04 17.99
C TRP A 76 7.43 23.45 19.14
N ASN A 77 6.22 23.87 18.72
CA ASN A 77 5.07 24.29 19.50
C ASN A 77 3.83 23.81 18.77
N ALA A 78 2.83 23.31 19.51
CA ALA A 78 1.60 22.87 18.86
C ALA A 78 0.27 23.46 19.43
N THR A 79 -0.82 23.36 18.63
CA THR A 79 -2.18 23.77 19.04
C THR A 79 -3.18 22.65 18.79
N VAL A 80 -3.48 21.90 19.88
CA VAL A 80 -4.41 20.77 19.90
C VAL A 80 -5.88 21.22 20.10
N GLY A 81 -6.75 20.77 19.21
CA GLY A 81 -8.18 21.06 19.22
C GLY A 81 -9.00 19.87 19.67
N TYR A 82 -10.06 20.12 20.46
CA TYR A 82 -10.87 19.05 21.00
C TYR A 82 -12.34 19.09 20.63
N LYS A 83 -13.03 17.93 20.84
CA LYS A 83 -14.46 17.68 20.64
C LYS A 83 -14.90 16.45 21.49
N ASP A 84 -16.22 16.10 21.46
CA ASP A 84 -16.80 15.00 22.25
C ASP A 84 -16.73 13.63 21.54
N ASN A 89 -13.23 14.21 26.23
CA ASN A 89 -12.66 15.15 25.26
C ASN A 89 -11.49 14.58 24.39
N VAL A 90 -11.81 14.33 23.11
CA VAL A 90 -10.88 13.77 22.13
C VAL A 90 -10.31 14.85 21.22
N ALA A 91 -9.05 14.64 20.78
CA ALA A 91 -8.33 15.54 19.88
C ALA A 91 -8.85 15.40 18.45
N THR A 92 -9.11 16.52 17.82
CA THR A 92 -9.61 16.54 16.45
C THR A 92 -8.65 17.23 15.46
N LEU A 93 -7.75 18.09 15.97
CA LEU A 93 -6.82 18.83 15.13
C LEU A 93 -5.52 19.28 15.84
N ILE A 94 -4.39 18.59 15.59
CA ILE A 94 -3.08 18.99 16.12
C ILE A 94 -2.49 19.95 15.09
N ASN A 95 -1.68 20.91 15.54
CA ASN A 95 -1.08 21.87 14.62
C ASN A 95 0.33 22.22 15.02
N VAL A 96 1.33 21.56 14.41
CA VAL A 96 2.76 21.74 14.73
C VAL A 96 3.46 22.86 13.97
N HIS A 97 4.14 23.71 14.72
CA HIS A 97 4.94 24.79 14.18
C HIS A 97 6.40 24.58 14.57
N MET A 98 7.25 24.39 13.55
CA MET A 98 8.67 24.12 13.74
C MET A 98 9.53 25.36 13.42
N LYS A 99 10.72 25.52 14.12
CA LYS A 99 11.64 26.64 13.88
C LYS A 99 12.13 26.75 12.40
N ASN A 100 12.23 25.59 11.70
CA ASN A 100 12.51 25.44 10.28
C ASN A 100 11.64 26.33 9.44
N GLY A 101 10.38 26.45 9.87
CA GLY A 101 9.34 27.14 9.12
C GLY A 101 8.51 26.06 8.47
N SER A 102 8.93 24.78 8.68
CA SER A 102 8.23 23.61 8.22
C SER A 102 7.00 23.45 9.11
N GLY A 103 5.93 22.89 8.55
CA GLY A 103 4.69 22.67 9.28
C GLY A 103 4.09 21.28 9.22
N LEU A 104 3.41 20.88 10.29
CA LEU A 104 2.70 19.61 10.36
C LEU A 104 1.28 19.87 10.88
N VAL A 105 0.29 19.27 10.21
CA VAL A 105 -1.13 19.38 10.61
C VAL A 105 -1.78 18.01 10.56
N ILE A 106 -2.37 17.57 11.67
CA ILE A 106 -3.10 16.30 11.77
C ILE A 106 -4.60 16.58 11.99
N ALA A 107 -5.47 15.85 11.30
CA ALA A 107 -6.90 16.03 11.45
C ALA A 107 -7.59 14.68 11.61
N GLY A 108 -8.22 14.47 12.74
CA GLY A 108 -8.91 13.23 13.03
C GLY A 108 -10.20 13.06 12.25
N GLY A 109 -10.61 11.80 12.10
CA GLY A 109 -11.85 11.44 11.42
C GLY A 109 -13.04 11.70 12.32
N GLU A 110 -14.10 10.88 12.18
CA GLU A 110 -15.29 10.99 13.04
C GLU A 110 -14.88 10.68 14.48
N LYS A 111 -14.03 9.64 14.65
CA LYS A 111 -13.52 9.18 15.94
C LYS A 111 -12.36 10.01 16.53
N GLY A 112 -11.90 11.03 15.80
CA GLY A 112 -10.81 11.90 16.25
C GLY A 112 -9.43 11.25 16.27
N ILE A 113 -8.39 12.08 16.48
CA ILE A 113 -7.01 11.63 16.50
C ILE A 113 -6.80 10.68 17.64
N ASN A 114 -6.46 9.46 17.32
CA ASN A 114 -6.11 8.47 18.33
C ASN A 114 -4.57 8.59 18.42
N ASN A 115 -4.02 8.45 19.63
CA ASN A 115 -2.58 8.60 19.89
C ASN A 115 -1.97 9.90 19.28
N PRO A 116 -2.46 11.09 19.71
CA PRO A 116 -1.88 12.35 19.21
C PRO A 116 -0.39 12.47 19.49
N SER A 117 0.06 11.79 20.57
CA SER A 117 1.43 11.76 21.07
C SER A 117 2.42 11.23 20.02
N PHE A 118 1.97 10.24 19.19
CA PHE A 118 2.72 9.59 18.09
C PHE A 118 3.41 10.62 17.17
N TYR A 119 2.71 11.70 16.84
CA TYR A 119 3.22 12.78 16.00
C TYR A 119 4.16 13.77 16.74
N LEU A 120 4.28 13.70 18.08
CA LEU A 120 5.09 14.70 18.81
C LEU A 120 6.17 14.16 19.75
N TYR A 121 5.96 12.98 20.34
CA TYR A 121 6.85 12.40 21.36
C TYR A 121 7.44 11.03 20.99
N LYS A 122 8.57 10.65 21.64
CA LYS A 122 9.28 9.36 21.49
C LYS A 122 9.71 8.80 22.85
N GLU A 123 9.77 7.47 22.94
CA GLU A 123 10.18 6.80 24.15
C GLU A 123 11.70 6.61 24.06
N ASP A 124 12.46 7.31 24.94
CA ASP A 124 13.92 7.24 25.00
C ASP A 124 14.30 5.85 25.50
N GLN A 125 15.08 5.12 24.70
CA GLN A 125 15.50 3.73 25.00
C GLN A 125 16.45 3.64 26.19
N LEU A 126 17.24 4.70 26.43
CA LEU A 126 18.19 4.78 27.55
C LEU A 126 17.57 5.19 28.92
N THR A 127 16.48 5.99 28.89
CA THR A 127 15.84 6.52 30.10
C THR A 127 14.43 5.96 30.40
N GLY A 128 13.66 5.66 29.35
CA GLY A 128 12.27 5.24 29.48
C GLY A 128 11.34 6.45 29.44
N SER A 129 11.92 7.66 29.70
CA SER A 129 11.26 8.96 29.71
C SER A 129 10.73 9.33 28.35
N GLN A 130 9.68 10.15 28.33
CA GLN A 130 9.09 10.67 27.12
C GLN A 130 9.96 11.84 26.66
N ARG A 131 10.42 11.80 25.40
CA ARG A 131 11.26 12.86 24.86
C ARG A 131 10.57 13.50 23.67
N ALA A 132 10.72 14.82 23.49
CA ALA A 132 10.07 15.49 22.36
C ALA A 132 10.87 15.29 21.05
N LEU A 133 10.17 14.92 19.97
CA LEU A 133 10.81 14.73 18.65
C LEU A 133 11.34 16.07 18.16
N SER A 134 12.52 16.04 17.52
CA SER A 134 13.15 17.23 16.95
C SER A 134 12.48 17.48 15.63
N GLN A 135 12.55 18.71 15.11
CA GLN A 135 11.96 19.07 13.82
C GLN A 135 12.49 18.15 12.68
N GLU A 136 13.69 17.59 12.91
CA GLU A 136 14.35 16.64 12.02
C GLU A 136 13.64 15.31 12.19
N GLU A 137 13.62 14.77 13.42
CA GLU A 137 12.92 13.52 13.76
C GLU A 137 11.46 13.49 13.26
N ILE A 138 10.77 14.67 13.27
CA ILE A 138 9.38 14.83 12.80
C ILE A 138 9.40 14.61 11.30
N ARG A 139 10.12 15.49 10.57
CA ARG A 139 10.33 15.39 9.12
C ARG A 139 10.63 13.93 8.70
N ASN A 140 11.58 13.25 9.42
CA ASN A 140 11.95 11.87 9.11
C ASN A 140 10.81 10.86 9.27
N LYS A 141 10.03 10.94 10.37
CA LYS A 141 8.86 10.08 10.59
C LYS A 141 7.85 10.27 9.42
N VAL A 142 7.73 11.51 8.90
CA VAL A 142 6.88 11.84 7.75
C VAL A 142 7.49 11.22 6.49
N ASP A 143 8.83 11.29 6.34
CA ASP A 143 9.57 10.72 5.21
C ASP A 143 9.35 9.20 5.15
N PHE A 144 9.41 8.55 6.34
CA PHE A 144 9.22 7.13 6.54
C PHE A 144 7.81 6.73 6.20
N MET A 145 6.83 7.51 6.66
CA MET A 145 5.40 7.29 6.40
C MET A 145 5.08 7.44 4.92
N GLU A 146 5.73 8.42 4.27
CA GLU A 146 5.64 8.69 2.83
C GLU A 146 6.11 7.46 2.07
N PHE A 147 7.17 6.79 2.59
CA PHE A 147 7.73 5.58 2.00
C PHE A 147 6.67 4.51 1.97
N LEU A 148 6.08 4.17 3.14
CA LEU A 148 5.02 3.17 3.32
C LEU A 148 3.81 3.48 2.44
N ALA A 149 3.41 4.76 2.36
CA ALA A 149 2.28 5.24 1.55
C ALA A 149 2.46 4.89 0.05
N GLN A 150 3.74 4.95 -0.43
CA GLN A 150 4.20 4.68 -1.80
C GLN A 150 4.29 3.19 -2.12
N ASN A 151 4.54 2.35 -1.08
CA ASN A 151 4.73 0.89 -1.20
C ASN A 151 3.69 0.06 -0.44
N ASN A 152 2.39 0.34 -0.68
CA ASN A 152 1.24 -0.37 -0.09
C ASN A 152 1.50 -0.85 1.38
N THR A 153 1.95 0.08 2.27
CA THR A 153 2.23 -0.14 3.70
C THR A 153 3.15 -1.33 4.04
N LYS A 154 3.98 -1.77 3.08
CA LYS A 154 4.93 -2.88 3.24
C LYS A 154 6.39 -2.40 3.18
N LEU A 155 7.26 -3.02 3.99
CA LEU A 155 8.68 -2.71 4.15
C LEU A 155 9.66 -3.45 3.17
N ASP A 156 9.11 -4.03 2.08
CA ASP A 156 9.87 -4.82 1.10
C ASP A 156 10.97 -4.06 0.34
N ASN A 157 10.60 -3.28 -0.68
CA ASN A 157 11.56 -2.59 -1.54
C ASN A 157 12.26 -1.34 -0.96
N LEU A 158 12.72 -1.53 0.27
CA LEU A 158 13.42 -0.55 1.08
C LEU A 158 14.89 -0.55 0.69
N SER A 159 15.36 0.60 0.13
CA SER A 159 16.76 0.72 -0.26
C SER A 159 17.72 0.73 0.94
N GLU A 160 19.01 0.46 0.70
CA GLU A 160 20.08 0.42 1.70
C GLU A 160 20.32 1.78 2.39
N LYS A 161 20.21 2.90 1.62
CA LYS A 161 20.35 4.28 2.10
C LYS A 161 19.09 4.60 2.92
N GLU A 162 17.93 4.07 2.47
CA GLU A 162 16.64 4.21 3.12
C GLU A 162 16.65 3.38 4.38
N LYS A 163 17.41 2.29 4.39
CA LYS A 163 17.57 1.42 5.55
C LYS A 163 18.44 2.16 6.61
N GLU A 164 19.34 3.06 6.14
CA GLU A 164 20.22 3.88 7.00
C GLU A 164 19.37 4.99 7.61
N LYS A 165 18.70 5.79 6.73
CA LYS A 165 17.80 6.90 6.99
C LYS A 165 16.72 6.56 8.02
N PHE A 166 15.99 5.47 7.75
CA PHE A 166 14.86 5.05 8.56
C PHE A 166 15.11 4.07 9.71
N GLN A 167 16.38 3.74 10.01
CA GLN A 167 16.72 2.77 11.07
C GLN A 167 15.86 2.77 12.34
N ASN A 168 15.72 3.95 12.98
CA ASN A 168 14.92 4.14 14.20
C ASN A 168 13.43 3.97 13.96
N GLU A 169 12.90 4.59 12.86
CA GLU A 169 11.49 4.46 12.46
C GLU A 169 11.19 3.03 11.98
N ILE A 170 12.22 2.29 11.57
CA ILE A 170 12.09 0.88 11.19
C ILE A 170 12.01 0.10 12.51
N GLU A 171 12.96 0.40 13.44
CA GLU A 171 13.10 -0.20 14.77
C GLU A 171 11.74 -0.20 15.51
N ASP A 172 11.14 1.00 15.73
CA ASP A 172 9.86 1.07 16.43
C ASP A 172 8.67 0.50 15.65
N PHE A 173 8.70 0.57 14.28
CA PHE A 173 7.64 -0.01 13.42
C PHE A 173 7.61 -1.52 13.64
N GLN A 174 8.83 -2.12 13.70
CA GLN A 174 9.05 -3.54 13.94
C GLN A 174 8.49 -3.97 15.29
N LYS A 175 8.66 -3.13 16.33
CA LYS A 175 8.10 -3.39 17.66
C LYS A 175 6.55 -3.38 17.57
N ASP A 176 5.95 -2.28 17.06
CA ASP A 176 4.49 -2.18 16.87
C ASP A 176 4.07 -1.31 15.69
N SER A 177 3.65 -1.97 14.62
CA SER A 177 3.18 -1.37 13.36
C SER A 177 1.88 -0.56 13.53
N LYS A 178 1.01 -0.95 14.51
CA LYS A 178 -0.30 -0.35 14.82
C LYS A 178 -0.25 1.17 14.81
N ALA A 179 0.62 1.75 15.67
CA ALA A 179 0.80 3.20 15.77
C ALA A 179 0.89 3.84 14.38
N TYR A 180 1.82 3.31 13.53
CA TYR A 180 2.06 3.77 12.18
C TYR A 180 0.88 3.53 11.25
N LEU A 181 0.40 2.29 11.13
CA LEU A 181 -0.71 1.98 10.22
C LEU A 181 -2.02 2.63 10.58
N ASP A 182 -2.28 2.76 11.89
CA ASP A 182 -3.51 3.38 12.40
C ASP A 182 -3.55 4.84 12.01
N ALA A 183 -2.39 5.51 12.17
CA ALA A 183 -2.20 6.92 11.85
C ALA A 183 -2.46 7.14 10.39
N LEU A 184 -1.64 6.43 9.56
CA LEU A 184 -1.66 6.40 8.10
C LEU A 184 -3.08 6.16 7.53
N GLY A 185 -3.75 5.15 8.10
CA GLY A 185 -5.10 4.72 7.76
C GLY A 185 -6.21 5.66 8.12
N ASN A 186 -6.26 6.10 9.41
CA ASN A 186 -7.37 6.92 9.96
C ASN A 186 -7.29 8.43 9.95
N ASP A 187 -6.10 9.00 10.16
CA ASP A 187 -5.94 10.45 10.26
C ASP A 187 -5.60 11.16 8.94
N ARG A 188 -5.82 12.49 8.87
CA ARG A 188 -5.47 13.32 7.72
C ARG A 188 -4.20 14.11 8.08
N ILE A 189 -3.05 13.66 7.59
CA ILE A 189 -1.75 14.29 7.82
C ILE A 189 -1.41 15.21 6.66
N ALA A 190 -0.84 16.38 6.96
CA ALA A 190 -0.38 17.37 6.00
C ALA A 190 0.92 17.93 6.52
N PHE A 191 1.97 17.80 5.72
CA PHE A 191 3.29 18.31 6.09
C PHE A 191 3.70 19.33 5.07
N VAL A 192 4.11 20.51 5.52
CA VAL A 192 4.60 21.58 4.64
C VAL A 192 6.10 21.69 4.89
N SER A 193 6.90 21.65 3.81
CA SER A 193 8.37 21.68 3.91
C SER A 193 8.95 23.04 4.23
N LYS A 194 10.22 23.05 4.70
CA LYS A 194 11.01 24.26 4.95
C LYS A 194 11.11 24.99 3.60
N LYS A 195 10.68 26.27 3.54
CA LYS A 195 10.67 27.09 2.31
C LYS A 195 12.07 27.20 1.67
N ASP A 196 12.17 26.83 0.37
CA ASP A 196 13.43 26.92 -0.37
C ASP A 196 13.75 28.36 -0.79
N THR A 197 15.01 28.59 -1.18
CA THR A 197 15.59 29.85 -1.64
C THR A 197 14.66 30.72 -2.51
N LYS A 198 13.93 30.09 -3.46
CA LYS A 198 12.99 30.78 -4.36
C LYS A 198 11.59 31.02 -3.71
N HIS A 199 11.50 30.92 -2.36
CA HIS A 199 10.29 31.09 -1.51
C HIS A 199 9.16 30.09 -1.76
N SER A 200 9.54 28.85 -2.10
CA SER A 200 8.61 27.77 -2.37
C SER A 200 8.76 26.63 -1.35
N ALA A 201 7.68 25.85 -1.17
CA ALA A 201 7.64 24.68 -0.27
C ALA A 201 6.76 23.57 -0.88
N LEU A 202 6.87 22.35 -0.33
CA LEU A 202 6.11 21.21 -0.82
C LEU A 202 5.22 20.54 0.24
N ILE A 203 3.88 20.66 0.07
CA ILE A 203 2.93 19.97 0.94
C ILE A 203 2.76 18.49 0.52
N THR A 204 3.04 17.60 1.47
CA THR A 204 2.96 16.14 1.40
C THR A 204 1.74 15.75 2.25
N GLU A 205 0.61 15.40 1.60
CA GLU A 205 -0.63 15.04 2.28
C GLU A 205 -0.91 13.55 2.31
N PHE A 206 -1.59 13.10 3.35
CA PHE A 206 -1.97 11.71 3.50
C PHE A 206 -3.43 11.66 3.89
N ASN A 207 -4.26 11.13 3.02
CA ASN A 207 -5.67 10.99 3.33
C ASN A 207 -5.97 9.53 3.63
N ASN A 208 -6.78 8.86 2.81
CA ASN A 208 -7.11 7.48 3.10
C ASN A 208 -5.93 6.55 2.83
N GLY A 209 -4.82 6.87 3.51
CA GLY A 209 -3.53 6.22 3.36
C GLY A 209 -2.86 6.61 2.04
N ASP A 210 -3.53 7.47 1.25
CA ASP A 210 -3.14 7.94 -0.07
C ASP A 210 -2.25 9.16 -0.02
N LEU A 211 -1.06 9.05 -0.63
CA LEU A 211 -0.14 10.18 -0.73
C LEU A 211 -0.61 11.20 -1.77
N SER A 212 -0.30 12.49 -1.53
CA SER A 212 -0.65 13.61 -2.40
C SER A 212 0.48 14.63 -2.32
N TYR A 213 1.11 14.97 -3.47
CA TYR A 213 2.18 15.99 -3.53
C TYR A 213 1.63 17.25 -4.11
N THR A 214 2.04 18.37 -3.51
CA THR A 214 1.61 19.69 -3.94
C THR A 214 2.64 20.75 -3.61
N LEU A 215 3.05 21.47 -4.66
CA LEU A 215 4.06 22.51 -4.57
C LEU A 215 3.41 23.87 -4.44
N LYS A 216 3.85 24.65 -3.43
CA LYS A 216 3.33 25.99 -3.18
C LYS A 216 4.43 27.03 -3.21
N ASP A 217 4.18 28.11 -3.98
CA ASP A 217 5.07 29.26 -4.16
C ASP A 217 4.48 30.47 -3.38
N TYR A 218 5.25 31.01 -2.41
CA TYR A 218 4.84 32.11 -1.54
C TYR A 218 5.43 33.47 -1.88
N GLU A 229 -1.72 32.32 -11.69
CA GLU A 229 -1.47 31.21 -10.78
C GLU A 229 -2.10 29.88 -11.23
N LYS A 230 -1.23 28.90 -11.59
CA LYS A 230 -1.58 27.56 -12.06
C LYS A 230 -1.24 26.47 -10.99
N ASN A 231 -2.07 26.39 -9.92
CA ASN A 231 -1.89 25.46 -8.80
C ASN A 231 -2.21 23.99 -9.12
N VAL A 232 -1.18 23.11 -9.00
CA VAL A 232 -1.25 21.67 -9.34
C VAL A 232 -0.85 20.75 -8.19
N THR A 233 -1.77 19.80 -7.87
CA THR A 233 -1.62 18.73 -6.87
C THR A 233 -1.84 17.38 -7.52
N LEU A 234 -1.01 16.41 -7.15
CA LEU A 234 -1.09 15.06 -7.69
C LEU A 234 -1.09 13.98 -6.62
N GLN A 235 -2.20 13.20 -6.53
CA GLN A 235 -2.41 12.14 -5.53
C GLN A 235 -2.61 10.76 -6.14
N GLY A 236 -2.20 9.74 -5.41
CA GLY A 236 -2.39 8.35 -5.80
C GLY A 236 -1.11 7.61 -6.06
N SER A 237 -1.19 6.27 -6.18
CA SER A 237 -0.09 5.38 -6.49
C SER A 237 -0.42 4.69 -7.78
N LEU A 238 0.39 4.92 -8.85
CA LEU A 238 0.17 4.19 -10.11
C LEU A 238 0.52 2.72 -9.89
N LYS A 239 1.71 2.46 -9.26
CA LYS A 239 2.18 1.12 -8.96
C LYS A 239 1.14 0.26 -8.27
N HIS A 240 0.64 0.72 -7.10
CA HIS A 240 -0.28 -0.04 -6.25
C HIS A 240 -1.75 0.15 -6.46
N ASP A 241 -2.20 1.35 -6.81
CA ASP A 241 -3.64 1.50 -7.03
C ASP A 241 -4.03 1.26 -8.47
N GLY A 242 -3.05 1.44 -9.37
CA GLY A 242 -3.25 1.31 -10.81
C GLY A 242 -3.70 2.62 -11.42
N VAL A 243 -4.12 3.54 -10.55
CA VAL A 243 -4.58 4.87 -10.92
C VAL A 243 -4.08 5.89 -9.92
N MET A 244 -3.93 7.12 -10.41
CA MET A 244 -3.43 8.27 -9.69
C MET A 244 -4.21 9.44 -10.32
N PHE A 245 -4.20 10.65 -9.70
CA PHE A 245 -4.98 11.79 -10.21
C PHE A 245 -4.24 13.09 -10.25
N VAL A 246 -4.53 13.90 -11.26
CA VAL A 246 -3.95 15.24 -11.36
C VAL A 246 -5.06 16.26 -11.11
N ASP A 247 -4.96 17.01 -9.99
CA ASP A 247 -5.91 18.06 -9.60
C ASP A 247 -5.24 19.38 -9.89
N TYR A 248 -5.83 20.19 -10.77
CA TYR A 248 -5.28 21.49 -11.16
C TYR A 248 -6.33 22.57 -11.23
N SER A 249 -5.92 23.83 -10.94
CA SER A 249 -6.78 25.03 -10.94
C SER A 249 -7.19 25.42 -12.36
N PHE A 277 -11.23 24.62 -11.09
CA PHE A 277 -10.56 23.38 -10.68
C PHE A 277 -11.03 22.08 -11.38
N ASN A 278 -10.10 21.39 -12.08
CA ASN A 278 -10.34 20.15 -12.83
C ASN A 278 -9.43 18.96 -12.37
N LYS A 279 -9.99 17.74 -12.36
CA LYS A 279 -9.36 16.48 -11.94
C LYS A 279 -9.18 15.52 -13.13
N VAL A 280 -7.95 14.99 -13.32
CA VAL A 280 -7.62 14.07 -14.43
C VAL A 280 -7.17 12.70 -13.93
N ALA A 281 -7.84 11.62 -14.40
CA ALA A 281 -7.50 10.24 -14.05
C ALA A 281 -6.44 9.71 -15.01
N VAL A 282 -5.36 9.18 -14.42
CA VAL A 282 -4.20 8.66 -15.12
C VAL A 282 -4.00 7.21 -14.71
N PHE A 283 -3.98 6.29 -15.70
CA PHE A 283 -3.92 4.85 -15.47
C PHE A 283 -2.63 4.19 -15.83
N ASN A 284 -2.12 3.32 -14.92
CA ASN A 284 -0.93 2.52 -15.15
C ASN A 284 -1.36 1.23 -15.81
N LEU A 285 -1.51 1.30 -17.14
CA LEU A 285 -1.85 0.15 -17.97
C LEU A 285 -0.69 -0.08 -18.94
N PRO A 286 -0.36 -1.35 -19.30
CA PRO A 286 0.75 -1.58 -20.24
C PRO A 286 0.33 -1.25 -21.68
N ASP A 287 1.28 -1.33 -22.65
CA ASP A 287 1.00 -1.05 -24.08
C ASP A 287 -0.02 -2.01 -24.65
N LEU A 288 0.10 -3.30 -24.29
CA LEU A 288 -0.85 -4.29 -24.76
C LEU A 288 -1.99 -4.46 -23.75
N ASN A 289 -2.88 -3.48 -23.68
CA ASN A 289 -4.02 -3.57 -22.78
C ASN A 289 -5.27 -3.87 -23.58
N ASN A 290 -6.38 -4.22 -22.90
CA ASN A 290 -7.65 -4.56 -23.53
C ASN A 290 -8.22 -3.44 -24.38
N LEU A 291 -7.95 -2.17 -24.03
CA LEU A 291 -8.42 -1.01 -24.80
C LEU A 291 -7.64 -0.86 -26.11
N ALA A 292 -6.41 -1.41 -26.15
CA ALA A 292 -5.52 -1.33 -27.30
C ALA A 292 -5.59 -2.57 -28.20
N ILE A 293 -6.17 -3.64 -27.68
CA ILE A 293 -6.27 -4.91 -28.36
C ILE A 293 -7.60 -5.09 -29.13
N THR A 294 -7.75 -6.21 -29.85
CA THR A 294 -8.92 -6.63 -30.63
C THR A 294 -9.94 -7.36 -29.70
N SER A 295 -10.08 -6.83 -28.47
CA SER A 295 -10.92 -7.36 -27.39
C SER A 295 -12.40 -7.11 -27.55
N PHE A 296 -13.19 -7.90 -26.78
CA PHE A 296 -14.63 -7.79 -26.67
C PHE A 296 -14.95 -6.41 -26.06
N VAL A 297 -14.02 -5.94 -25.21
CA VAL A 297 -14.03 -4.65 -24.51
C VAL A 297 -13.91 -3.51 -25.54
N ARG A 298 -12.87 -3.57 -26.42
CA ARG A 298 -12.61 -2.58 -27.48
C ARG A 298 -13.76 -2.57 -28.47
N ARG A 299 -14.30 -3.78 -28.77
CA ARG A 299 -15.46 -4.03 -29.62
C ARG A 299 -16.62 -3.17 -29.09
N ASN A 300 -16.99 -3.37 -27.79
CA ASN A 300 -18.07 -2.62 -27.13
C ASN A 300 -17.78 -1.15 -26.96
N LEU A 301 -16.51 -0.82 -26.71
CA LEU A 301 -16.09 0.57 -26.58
C LEU A 301 -16.39 1.30 -27.89
N GLU A 302 -16.03 0.65 -29.05
CA GLU A 302 -16.26 1.15 -30.41
C GLU A 302 -17.77 1.36 -30.63
N ASN A 303 -18.60 0.34 -30.26
CA ASN A 303 -20.06 0.36 -30.41
C ASN A 303 -20.72 1.51 -29.65
N LYS A 304 -20.24 1.80 -28.44
CA LYS A 304 -20.82 2.86 -27.63
C LYS A 304 -20.40 4.26 -28.04
N LEU A 305 -19.18 4.42 -28.60
CA LEU A 305 -18.70 5.74 -29.04
C LEU A 305 -19.37 6.22 -30.32
N THR A 306 -19.62 5.30 -31.27
CA THR A 306 -20.30 5.59 -32.54
C THR A 306 -21.75 5.97 -32.27
N ALA A 307 -22.45 5.14 -31.45
CA ALA A 307 -23.84 5.32 -31.02
C ALA A 307 -24.12 6.71 -30.39
N LYS A 308 -23.07 7.36 -29.86
CA LYS A 308 -23.16 8.70 -29.25
C LYS A 308 -22.76 9.79 -30.27
N GLY A 309 -23.06 9.53 -31.54
CA GLY A 309 -22.79 10.43 -32.67
C GLY A 309 -21.32 10.55 -33.02
N LEU A 310 -20.76 9.48 -33.63
CA LEU A 310 -19.35 9.44 -34.01
C LEU A 310 -19.06 8.42 -35.09
N SER A 311 -18.08 8.72 -35.96
CA SER A 311 -17.65 7.82 -37.03
C SER A 311 -16.74 6.74 -36.45
N LEU A 312 -16.75 5.54 -37.03
CA LEU A 312 -15.90 4.46 -36.56
C LEU A 312 -14.42 4.83 -36.61
N GLN A 313 -13.99 5.59 -37.64
CA GLN A 313 -12.61 6.03 -37.70
C GLN A 313 -12.34 7.25 -36.79
N GLU A 314 -13.41 7.97 -36.40
CA GLU A 314 -13.32 9.08 -35.46
C GLU A 314 -13.10 8.49 -34.04
N ALA A 315 -13.95 7.49 -33.69
CA ALA A 315 -13.94 6.77 -32.40
C ALA A 315 -12.61 6.08 -32.17
N ASN A 316 -12.11 5.34 -33.17
CA ASN A 316 -10.85 4.64 -33.06
C ASN A 316 -9.66 5.58 -32.97
N LYS A 317 -9.76 6.79 -33.57
CA LYS A 317 -8.69 7.80 -33.49
C LYS A 317 -8.62 8.28 -32.04
N LEU A 318 -9.77 8.71 -31.48
CA LEU A 318 -9.95 9.14 -30.10
C LEU A 318 -9.39 8.13 -29.11
N ILE A 319 -9.74 6.82 -29.25
CA ILE A 319 -9.26 5.73 -28.39
C ILE A 319 -7.74 5.74 -28.29
N LYS A 320 -7.05 5.77 -29.43
CA LYS A 320 -5.59 5.83 -29.45
C LYS A 320 -5.04 7.16 -28.93
N ASP A 321 -5.77 8.26 -29.19
CA ASP A 321 -5.40 9.61 -28.72
C ASP A 321 -5.43 9.64 -27.20
N PHE A 322 -6.47 9.02 -26.60
CA PHE A 322 -6.71 8.90 -25.18
C PHE A 322 -5.57 8.09 -24.55
N LEU A 323 -5.37 6.85 -25.04
CA LEU A 323 -4.36 5.90 -24.60
C LEU A 323 -2.99 6.54 -24.68
N SER A 324 -2.73 7.30 -25.77
CA SER A 324 -1.50 8.03 -26.02
C SER A 324 -1.34 9.15 -24.97
N SER A 325 -2.40 9.98 -24.78
CA SER A 325 -2.44 11.10 -23.83
C SER A 325 -2.14 10.59 -22.45
N ASN A 326 -2.94 9.61 -22.00
CA ASN A 326 -2.83 8.95 -20.71
C ASN A 326 -1.37 8.55 -20.43
N LYS A 327 -0.75 7.75 -21.34
CA LYS A 327 0.64 7.29 -21.25
C LYS A 327 1.64 8.44 -21.05
N GLU A 328 1.47 9.55 -21.80
CA GLU A 328 2.31 10.76 -21.70
C GLU A 328 2.18 11.36 -20.27
N LEU A 329 0.91 11.58 -19.82
CA LEU A 329 0.57 12.11 -18.50
C LEU A 329 1.23 11.28 -17.42
N ALA A 330 1.08 9.95 -17.51
CA ALA A 330 1.64 9.01 -16.55
C ALA A 330 3.13 9.19 -16.40
N GLY A 331 3.82 9.36 -17.51
CA GLY A 331 5.26 9.53 -17.50
C GLY A 331 5.68 10.82 -16.83
N LYS A 332 4.98 11.90 -17.20
CA LYS A 332 5.16 13.26 -16.66
C LYS A 332 4.86 13.30 -15.15
N ALA A 333 3.83 12.53 -14.71
CA ALA A 333 3.42 12.35 -13.33
C ALA A 333 4.58 11.70 -12.57
N LEU A 334 5.02 10.51 -13.04
CA LEU A 334 6.15 9.80 -12.46
C LEU A 334 7.40 10.68 -12.42
N ASN A 335 7.51 11.62 -13.39
CA ASN A 335 8.63 12.55 -13.49
C ASN A 335 8.62 13.56 -12.35
N PHE A 336 7.42 14.09 -11.99
CA PHE A 336 7.24 14.99 -10.86
C PHE A 336 7.72 14.27 -9.57
N ASN A 337 7.39 12.98 -9.44
CA ASN A 337 7.79 12.20 -8.29
C ASN A 337 9.29 12.08 -8.18
N LYS A 338 9.96 11.80 -9.33
CA LYS A 338 11.41 11.63 -9.45
C LYS A 338 12.10 12.93 -9.03
N ALA A 339 11.51 14.09 -9.42
CA ALA A 339 11.97 15.42 -9.03
C ALA A 339 11.89 15.56 -7.51
N VAL A 340 10.67 15.38 -6.94
CA VAL A 340 10.35 15.41 -5.51
C VAL A 340 11.31 14.54 -4.67
N ALA A 341 11.62 13.34 -5.17
CA ALA A 341 12.53 12.40 -4.52
C ALA A 341 13.95 12.95 -4.45
N GLU A 342 14.39 13.64 -5.53
CA GLU A 342 15.73 14.24 -5.60
C GLU A 342 15.72 15.47 -4.69
N ALA A 343 14.71 16.35 -4.87
CA ALA A 343 14.48 17.57 -4.08
C ALA A 343 14.68 17.32 -2.60
N LYS A 344 14.21 16.14 -2.11
CA LYS A 344 14.29 15.65 -0.74
C LYS A 344 15.69 15.86 -0.20
N SER A 345 16.71 15.53 -1.00
CA SER A 345 18.12 15.67 -0.65
C SER A 345 18.75 17.01 -1.05
N THR A 346 18.43 17.55 -2.25
CA THR A 346 18.95 18.84 -2.74
C THR A 346 18.48 20.00 -1.87
N GLY A 347 17.19 20.02 -1.55
CA GLY A 347 16.53 21.08 -0.80
C GLY A 347 15.93 22.15 -1.69
N ASN A 348 15.96 21.91 -3.03
CA ASN A 348 15.49 22.85 -4.06
C ASN A 348 14.26 22.35 -4.81
N TYR A 349 13.31 23.26 -5.09
CA TYR A 349 12.08 22.90 -5.81
C TYR A 349 12.01 23.41 -7.25
N ASP A 350 13.13 23.96 -7.79
CA ASP A 350 13.19 24.46 -9.17
C ASP A 350 12.90 23.31 -10.16
N GLU A 351 13.46 22.10 -9.88
CA GLU A 351 13.26 20.90 -10.69
C GLU A 351 11.82 20.39 -10.63
N VAL A 352 11.18 20.49 -9.45
CA VAL A 352 9.78 20.10 -9.22
C VAL A 352 8.92 21.16 -9.94
N LYS A 353 9.36 22.44 -9.89
CA LYS A 353 8.72 23.58 -10.58
C LYS A 353 8.70 23.23 -12.08
N LYS A 354 9.88 22.80 -12.60
CA LYS A 354 10.12 22.41 -13.98
C LYS A 354 9.22 21.24 -14.39
N ALA A 355 9.21 20.17 -13.55
CA ALA A 355 8.39 18.96 -13.76
C ALA A 355 6.91 19.28 -13.81
N GLN A 356 6.46 20.24 -12.97
CA GLN A 356 5.07 20.68 -12.93
C GLN A 356 4.71 21.35 -14.26
N LYS A 357 5.63 22.22 -14.77
CA LYS A 357 5.49 22.94 -16.04
C LYS A 357 5.39 21.93 -17.21
N ASP A 358 6.30 20.92 -17.20
CA ASP A 358 6.38 19.83 -18.17
C ASP A 358 5.06 19.05 -18.16
N LEU A 359 4.55 18.73 -16.94
CA LEU A 359 3.28 18.02 -16.75
C LEU A 359 2.12 18.88 -17.25
N GLU A 360 2.16 20.19 -16.93
CA GLU A 360 1.14 21.15 -17.34
C GLU A 360 0.98 21.17 -18.87
N LYS A 361 2.11 21.11 -19.61
CA LYS A 361 2.15 21.07 -21.08
C LYS A 361 1.21 19.98 -21.61
N SER A 362 1.38 18.74 -21.10
CA SER A 362 0.60 17.54 -21.42
C SER A 362 -0.86 17.65 -20.94
N LEU A 363 -1.10 18.38 -19.83
CA LEU A 363 -2.45 18.56 -19.32
C LEU A 363 -3.29 19.40 -20.26
N ARG A 364 -2.66 20.44 -20.87
CA ARG A 364 -3.24 21.33 -21.88
C ARG A 364 -3.48 20.49 -23.15
N LYS A 365 -2.52 19.58 -23.51
CA LYS A 365 -2.63 18.67 -24.64
C LYS A 365 -3.90 17.83 -24.56
N ARG A 366 -4.26 17.36 -23.32
CA ARG A 366 -5.47 16.59 -23.02
C ARG A 366 -6.71 17.49 -23.18
N GLU A 367 -6.58 18.78 -22.79
CA GLU A 367 -7.62 19.78 -22.91
C GLU A 367 -7.93 19.97 -24.40
N HIS A 368 -6.88 20.10 -25.25
CA HIS A 368 -7.01 20.26 -26.70
C HIS A 368 -7.74 19.07 -27.32
N LEU A 369 -7.38 17.84 -26.91
CA LEU A 369 -7.98 16.56 -27.34
C LEU A 369 -9.48 16.54 -27.03
N GLU A 370 -9.87 17.08 -25.86
CA GLU A 370 -11.26 17.12 -25.39
C GLU A 370 -12.15 18.03 -26.22
N LYS A 371 -11.76 19.32 -26.38
CA LYS A 371 -12.49 20.34 -27.13
C LYS A 371 -12.66 19.93 -28.60
N GLU A 372 -11.65 19.24 -29.15
CA GLU A 372 -11.66 18.74 -30.52
C GLU A 372 -12.82 17.77 -30.73
N VAL A 373 -13.09 16.92 -29.73
CA VAL A 373 -14.20 15.97 -29.75
C VAL A 373 -15.51 16.75 -29.67
N GLU A 374 -15.58 17.74 -28.76
CA GLU A 374 -16.73 18.61 -28.56
C GLU A 374 -17.12 19.34 -29.88
N LYS A 375 -16.09 19.77 -30.67
CA LYS A 375 -16.22 20.46 -31.96
C LYS A 375 -16.77 19.51 -33.04
N LYS A 376 -16.07 18.37 -33.26
CA LYS A 376 -16.45 17.30 -34.20
C LYS A 376 -17.81 16.64 -33.84
N LEU A 377 -18.41 17.11 -32.74
CA LEU A 377 -19.71 16.70 -32.20
C LEU A 377 -20.68 17.86 -32.42
N GLU A 378 -20.18 19.11 -32.26
CA GLU A 378 -20.94 20.37 -32.43
C GLU A 378 -21.41 20.51 -33.87
N SER A 379 -20.45 20.48 -34.83
CA SER A 379 -20.75 20.55 -36.25
C SER A 379 -21.30 19.19 -36.68
N LYS A 380 -22.56 18.88 -36.27
CA LYS A 380 -23.24 17.61 -36.53
C LYS A 380 -24.78 17.63 -36.42
N SER A 381 -25.39 18.59 -35.66
CA SER A 381 -26.86 18.66 -35.52
C SER A 381 -27.53 20.05 -35.72
N GLY A 382 -26.80 21.13 -35.42
CA GLY A 382 -27.22 22.53 -35.57
C GLY A 382 -28.63 22.89 -35.14
N ASN A 383 -28.85 23.12 -33.83
CA ASN A 383 -30.15 23.50 -33.24
C ASN A 383 -30.00 24.62 -32.19
N LYS A 384 -28.77 24.85 -31.71
CA LYS A 384 -28.39 25.87 -30.75
C LYS A 384 -27.99 27.15 -31.52
N LYS A 390 -24.18 23.90 -28.54
CA LYS A 390 -22.83 24.02 -27.99
C LYS A 390 -22.65 23.19 -26.71
N ALA A 391 -23.50 23.46 -25.68
CA ALA A 391 -23.49 22.80 -24.37
C ALA A 391 -23.99 21.36 -24.40
N GLN A 392 -24.78 21.01 -25.44
CA GLN A 392 -25.26 19.64 -25.63
C GLN A 392 -24.09 18.79 -26.15
N ALA A 393 -23.26 19.38 -27.02
CA ALA A 393 -22.05 18.78 -27.60
C ALA A 393 -20.96 18.58 -26.53
N ASN A 394 -20.99 19.39 -25.45
CA ASN A 394 -20.07 19.31 -24.32
C ASN A 394 -20.47 18.13 -23.42
N SER A 395 -21.75 18.05 -23.00
CA SER A 395 -22.27 16.95 -22.16
C SER A 395 -22.18 15.60 -22.88
N GLN A 396 -22.37 15.62 -24.20
CA GLN A 396 -22.26 14.43 -25.05
C GLN A 396 -20.78 14.01 -25.18
N LYS A 397 -19.84 14.99 -25.14
CA LYS A 397 -18.40 14.72 -25.18
C LYS A 397 -17.99 14.05 -23.86
N ASP A 398 -18.48 14.60 -22.72
CA ASP A 398 -18.26 14.13 -21.35
C ASP A 398 -18.68 12.66 -21.16
N GLU A 399 -19.85 12.27 -21.72
CA GLU A 399 -20.41 10.90 -21.66
C GLU A 399 -19.50 9.90 -22.35
N ILE A 400 -18.86 10.34 -23.44
CA ILE A 400 -17.94 9.58 -24.29
C ILE A 400 -16.64 9.30 -23.54
N PHE A 401 -16.02 10.34 -22.95
CA PHE A 401 -14.78 10.22 -22.19
C PHE A 401 -14.96 9.37 -20.95
N ALA A 402 -16.13 9.52 -20.29
CA ALA A 402 -16.54 8.75 -19.14
C ALA A 402 -16.42 7.25 -19.46
N LEU A 403 -17.04 6.81 -20.59
CA LEU A 403 -17.02 5.44 -21.13
C LEU A 403 -15.62 4.87 -21.21
N ILE A 404 -14.70 5.64 -21.86
CA ILE A 404 -13.29 5.30 -22.07
C ILE A 404 -12.58 5.16 -20.72
N ASN A 405 -12.68 6.22 -19.86
CA ASN A 405 -12.10 6.25 -18.50
C ASN A 405 -12.62 5.10 -17.66
N LYS A 406 -13.90 4.71 -17.86
CA LYS A 406 -14.49 3.58 -17.14
C LYS A 406 -13.72 2.30 -17.46
N GLU A 407 -13.55 2.00 -18.76
CA GLU A 407 -12.84 0.79 -19.21
C GLU A 407 -11.38 0.79 -18.84
N ALA A 408 -10.75 1.98 -18.91
CA ALA A 408 -9.36 2.24 -18.53
C ALA A 408 -9.19 1.94 -17.04
N ASN A 409 -10.12 2.45 -16.17
CA ASN A 409 -10.12 2.20 -14.72
C ASN A 409 -10.27 0.70 -14.39
N ARG A 410 -11.23 0.00 -15.06
CA ARG A 410 -11.48 -1.43 -14.85
C ARG A 410 -10.21 -2.30 -15.06
N ASP A 411 -9.46 -2.02 -16.14
CA ASP A 411 -8.25 -2.74 -16.53
C ASP A 411 -7.06 -2.45 -15.58
N ALA A 412 -6.76 -1.15 -15.38
CA ALA A 412 -5.66 -0.67 -14.55
C ALA A 412 -5.72 -1.20 -13.13
N ARG A 413 -6.93 -1.19 -12.51
CA ARG A 413 -7.20 -1.68 -11.15
C ARG A 413 -7.14 -3.19 -11.08
N ALA A 414 -7.68 -3.88 -12.11
CA ALA A 414 -7.61 -5.33 -12.19
C ALA A 414 -6.15 -5.76 -12.28
N ILE A 415 -5.31 -5.03 -13.07
CA ILE A 415 -3.87 -5.35 -13.17
C ILE A 415 -3.24 -5.19 -11.79
N ALA A 416 -3.55 -4.05 -11.12
CA ALA A 416 -3.05 -3.65 -9.81
C ALA A 416 -3.47 -4.63 -8.74
N TYR A 417 -4.75 -5.06 -8.77
CA TYR A 417 -5.31 -6.02 -7.82
C TYR A 417 -4.55 -7.31 -7.90
N THR A 418 -4.33 -7.82 -9.12
CA THR A 418 -3.64 -9.09 -9.32
C THR A 418 -2.21 -9.08 -8.79
N GLN A 419 -1.52 -7.94 -8.87
CA GLN A 419 -0.14 -7.84 -8.40
C GLN A 419 -0.08 -7.84 -6.89
N ASN A 420 -1.00 -7.08 -6.26
CA ASN A 420 -1.11 -6.94 -4.81
C ASN A 420 -1.45 -8.28 -4.19
N LEU A 421 -2.40 -9.03 -4.81
CA LEU A 421 -2.82 -10.34 -4.37
C LEU A 421 -1.63 -11.27 -4.41
N LYS A 422 -0.90 -11.30 -5.55
CA LYS A 422 0.31 -12.11 -5.73
C LYS A 422 1.30 -11.93 -4.58
N GLY A 423 1.43 -10.67 -4.12
CA GLY A 423 2.27 -10.28 -3.00
C GLY A 423 1.83 -10.88 -1.68
N ILE A 424 0.50 -10.95 -1.43
CA ILE A 424 -0.13 -11.52 -0.23
C ILE A 424 0.07 -13.05 -0.21
N LYS A 425 -0.29 -13.72 -1.33
CA LYS A 425 -0.14 -15.16 -1.51
C LYS A 425 1.30 -15.64 -1.30
N ARG A 426 2.29 -14.79 -1.69
CA ARG A 426 3.72 -15.03 -1.48
C ARG A 426 4.06 -14.85 0.03
N GLU A 427 3.64 -13.72 0.63
CA GLU A 427 3.84 -13.34 2.05
C GLU A 427 3.31 -14.42 3.01
N LEU A 428 2.09 -14.92 2.74
CA LEU A 428 1.45 -15.97 3.52
C LEU A 428 2.22 -17.27 3.38
N SER A 429 2.62 -17.61 2.15
CA SER A 429 3.38 -18.82 1.83
C SER A 429 4.70 -18.87 2.61
N ASP A 430 5.39 -17.72 2.67
CA ASP A 430 6.64 -17.55 3.39
C ASP A 430 6.41 -17.75 4.87
N LYS A 431 5.40 -17.06 5.45
CA LYS A 431 5.02 -17.19 6.86
C LYS A 431 4.76 -18.65 7.23
N LEU A 432 3.95 -19.36 6.42
CA LEU A 432 3.62 -20.78 6.60
C LEU A 432 4.84 -21.67 6.45
N GLU A 433 5.75 -21.35 5.50
CA GLU A 433 6.99 -22.11 5.36
C GLU A 433 7.81 -22.01 6.65
N LYS A 434 7.86 -20.79 7.25
CA LYS A 434 8.54 -20.51 8.53
C LYS A 434 7.86 -21.31 9.66
N ILE A 435 6.52 -21.25 9.74
CA ILE A 435 5.71 -21.98 10.73
C ILE A 435 5.96 -23.48 10.62
N SER A 436 6.10 -23.99 9.37
CA SER A 436 6.36 -25.41 9.11
C SER A 436 7.71 -25.87 9.67
N LYS A 437 8.74 -25.00 9.58
CA LYS A 437 10.09 -25.24 10.10
C LYS A 437 10.05 -25.36 11.65
N ASP A 438 9.41 -24.37 12.33
CA ASP A 438 9.25 -24.32 13.79
C ASP A 438 8.49 -25.56 14.34
N LEU A 439 7.55 -26.12 13.53
CA LEU A 439 6.78 -27.31 13.86
C LEU A 439 7.61 -28.57 13.61
N LYS A 440 8.50 -28.55 12.58
CA LYS A 440 9.39 -29.69 12.24
C LYS A 440 10.39 -29.92 13.39
N ASP A 441 10.90 -28.82 13.99
CA ASP A 441 11.86 -28.84 15.10
C ASP A 441 11.21 -29.22 16.44
N PHE A 442 9.97 -28.73 16.71
CA PHE A 442 9.23 -29.06 17.92
C PHE A 442 8.75 -30.52 17.93
N SER A 443 8.54 -31.12 16.73
CA SER A 443 8.14 -32.52 16.52
C SER A 443 9.38 -33.47 16.55
N LYS A 444 10.55 -32.91 16.94
CA LYS A 444 11.81 -33.63 17.10
C LYS A 444 12.20 -33.50 18.57
N SER A 445 12.08 -32.27 19.13
CA SER A 445 12.39 -31.91 20.51
C SER A 445 11.47 -32.63 21.50
N PHE A 446 10.19 -32.81 21.11
CA PHE A 446 9.18 -33.52 21.91
C PHE A 446 9.30 -35.02 21.70
N ASP A 447 9.60 -35.45 20.46
CA ASP A 447 9.76 -36.86 20.09
C ASP A 447 10.96 -37.53 20.79
N GLU A 448 11.95 -36.72 21.22
CA GLU A 448 13.15 -37.16 21.96
C GLU A 448 12.86 -37.16 23.49
N PHE A 449 11.97 -36.25 23.95
CA PHE A 449 11.55 -36.13 25.35
C PHE A 449 10.63 -37.30 25.74
N LYS A 450 9.73 -37.68 24.81
CA LYS A 450 8.74 -38.76 24.91
C LYS A 450 9.44 -40.12 25.15
N ASN A 451 10.55 -40.40 24.40
CA ASN A 451 11.32 -41.65 24.51
C ASN A 451 12.54 -41.46 25.42
N PHE A 457 15.87 -32.02 31.52
CA PHE A 457 15.96 -32.84 30.32
C PHE A 457 15.25 -32.16 29.15
N SER A 458 14.14 -31.45 29.44
CA SER A 458 13.27 -30.76 28.47
C SER A 458 13.95 -29.70 27.58
N LYS A 459 13.77 -29.86 26.26
CA LYS A 459 14.28 -29.00 25.17
C LYS A 459 13.09 -28.24 24.56
N ALA A 460 11.94 -28.93 24.48
CA ALA A 460 10.64 -28.55 23.95
C ALA A 460 10.13 -27.15 24.29
N GLU A 461 10.45 -26.65 25.51
CA GLU A 461 10.00 -25.34 26.01
C GLU A 461 10.28 -24.16 25.05
N GLU A 462 11.49 -24.14 24.43
CA GLU A 462 11.90 -23.09 23.49
C GLU A 462 11.36 -23.26 22.07
N THR A 463 11.23 -24.52 21.59
CA THR A 463 10.68 -24.81 20.26
C THR A 463 9.18 -24.50 20.22
N LEU A 464 8.46 -24.75 21.34
CA LEU A 464 7.05 -24.38 21.49
C LEU A 464 6.96 -22.85 21.63
N LYS A 465 7.97 -22.21 22.27
CA LYS A 465 8.06 -20.76 22.43
C LYS A 465 8.26 -20.06 21.06
N ALA A 466 9.05 -20.70 20.15
CA ALA A 466 9.34 -20.20 18.81
C ALA A 466 8.13 -20.38 17.90
N LEU A 467 7.52 -21.59 17.92
CA LEU A 467 6.32 -21.96 17.17
C LEU A 467 5.13 -21.04 17.54
N LYS A 468 4.90 -20.81 18.86
CA LYS A 468 3.83 -19.94 19.39
C LYS A 468 3.93 -18.53 18.78
N GLY A 469 5.16 -18.02 18.70
CA GLY A 469 5.46 -16.70 18.13
C GLY A 469 5.22 -16.67 16.65
N SER A 470 5.66 -17.76 15.93
CA SER A 470 5.52 -17.98 14.48
C SER A 470 4.04 -17.93 14.04
N VAL A 471 3.15 -18.59 14.83
CA VAL A 471 1.70 -18.68 14.65
C VAL A 471 1.04 -17.31 14.90
N LYS A 472 1.48 -16.58 15.95
CA LYS A 472 0.98 -15.24 16.31
C LYS A 472 1.37 -14.21 15.25
N ASP A 473 2.56 -14.41 14.64
CA ASP A 473 3.11 -13.55 13.58
C ASP A 473 2.22 -13.60 12.33
N LEU A 474 1.69 -14.80 11.99
CA LEU A 474 0.80 -15.03 10.86
C LEU A 474 -0.45 -14.15 10.98
N GLY A 475 -1.18 -14.31 12.07
CA GLY A 475 -2.40 -13.58 12.34
C GLY A 475 -3.42 -14.41 13.09
N ILE A 476 -4.68 -13.95 13.06
CA ILE A 476 -5.81 -14.57 13.75
C ILE A 476 -6.17 -15.99 13.24
N ASN A 477 -6.16 -16.93 14.20
CA ASN A 477 -6.52 -18.34 14.05
C ASN A 477 -6.97 -18.82 15.44
N PRO A 478 -8.21 -18.49 15.88
CA PRO A 478 -8.64 -18.88 17.24
C PRO A 478 -8.73 -20.38 17.54
N GLU A 479 -8.50 -21.25 16.56
CA GLU A 479 -8.50 -22.72 16.72
C GLU A 479 -7.08 -23.22 17.02
N TRP A 480 -6.06 -22.38 16.70
CA TRP A 480 -4.63 -22.64 16.94
C TRP A 480 -4.24 -22.08 18.31
N ILE A 481 -5.00 -21.07 18.78
CA ILE A 481 -4.88 -20.46 20.10
C ILE A 481 -5.52 -21.46 21.08
N SER A 482 -6.69 -22.03 20.69
CA SER A 482 -7.42 -23.05 21.44
C SER A 482 -6.58 -24.34 21.51
N LYS A 483 -5.91 -24.71 20.40
CA LYS A 483 -5.04 -25.89 20.35
C LYS A 483 -3.78 -25.70 21.19
N VAL A 484 -3.30 -24.44 21.33
CA VAL A 484 -2.12 -24.13 22.15
C VAL A 484 -2.41 -24.11 23.66
N GLU A 485 -3.59 -23.58 24.07
CA GLU A 485 -4.08 -23.56 25.45
C GLU A 485 -4.36 -24.98 25.93
N ASN A 486 -4.74 -25.89 24.99
CA ASN A 486 -4.99 -27.30 25.23
C ASN A 486 -3.67 -27.99 25.56
N LEU A 487 -2.58 -27.58 24.87
CA LEU A 487 -1.25 -28.11 25.15
C LEU A 487 -0.76 -27.52 26.47
N ASN A 488 -0.95 -26.18 26.69
CA ASN A 488 -0.57 -25.49 27.93
C ASN A 488 -1.28 -26.06 29.16
N ALA A 489 -2.57 -26.43 29.01
CA ALA A 489 -3.39 -27.03 30.08
C ALA A 489 -2.93 -28.44 30.40
N ALA A 490 -2.71 -29.28 29.36
CA ALA A 490 -2.24 -30.67 29.50
C ALA A 490 -0.81 -30.77 30.04
N LEU A 491 0.00 -29.70 29.87
CA LEU A 491 1.39 -29.59 30.34
C LEU A 491 1.44 -29.17 31.82
N ASN A 492 0.60 -28.19 32.22
CA ASN A 492 0.51 -27.72 33.61
C ASN A 492 -0.15 -28.78 34.52
N GLU A 493 -0.88 -29.75 33.92
CA GLU A 493 -1.55 -30.85 34.63
C GLU A 493 -0.68 -32.12 34.76
N PHE A 494 0.54 -32.11 34.18
CA PHE A 494 1.49 -33.23 34.26
C PHE A 494 2.46 -32.99 35.45
N LYS A 495 2.66 -31.70 35.82
CA LYS A 495 3.48 -31.27 36.97
C LYS A 495 2.81 -31.79 38.26
N ASN A 496 1.46 -31.71 38.32
CA ASN A 496 0.58 -32.12 39.43
C ASN A 496 -0.55 -33.06 38.95
N GLY A 497 -0.14 -34.26 38.51
CA GLY A 497 -1.02 -35.31 37.98
C GLY A 497 -2.17 -35.73 38.88
N ASP A 501 -1.15 -38.40 33.56
CA ASP A 501 -0.66 -39.24 32.45
C ASP A 501 -0.01 -38.41 31.33
N PHE A 502 1.03 -38.97 30.68
CA PHE A 502 1.72 -38.34 29.55
C PHE A 502 0.95 -38.56 28.23
N SER A 503 -0.03 -39.49 28.25
CA SER A 503 -0.92 -39.77 27.11
C SER A 503 -1.82 -38.56 26.82
N LYS A 504 -2.13 -37.75 27.87
CA LYS A 504 -2.91 -36.52 27.74
C LYS A 504 -2.02 -35.36 27.21
N VAL A 505 -0.67 -35.52 27.33
CA VAL A 505 0.33 -34.53 26.86
C VAL A 505 0.60 -34.73 25.36
N THR A 506 0.89 -35.98 24.93
CA THR A 506 1.15 -36.37 23.53
C THR A 506 -0.07 -36.17 22.60
N GLN A 507 -1.29 -36.35 23.15
CA GLN A 507 -2.55 -36.16 22.42
C GLN A 507 -2.67 -34.70 21.98
N ALA A 508 -2.59 -33.73 22.93
CA ALA A 508 -2.66 -32.28 22.67
C ALA A 508 -1.52 -31.80 21.75
N LYS A 509 -0.37 -32.50 21.77
CA LYS A 509 0.77 -32.23 20.90
C LYS A 509 0.38 -32.62 19.49
N SER A 510 0.11 -33.93 19.26
CA SER A 510 -0.30 -34.47 17.98
C SER A 510 -1.53 -33.77 17.39
N ASP A 511 -2.46 -33.29 18.25
CA ASP A 511 -3.62 -32.54 17.79
C ASP A 511 -3.19 -31.20 17.21
N LEU A 512 -2.28 -30.47 17.89
CA LEU A 512 -1.73 -29.21 17.42
C LEU A 512 -0.83 -29.45 16.18
N GLU A 513 0.01 -30.49 16.23
CA GLU A 513 0.91 -30.86 15.15
C GLU A 513 0.13 -31.22 13.89
N ASN A 514 -0.97 -32.00 14.03
CA ASN A 514 -1.83 -32.38 12.90
C ASN A 514 -2.57 -31.16 12.34
N SER A 515 -3.16 -30.32 13.21
CA SER A 515 -3.93 -29.12 12.83
C SER A 515 -3.15 -28.13 11.95
N VAL A 516 -1.91 -27.80 12.33
CA VAL A 516 -1.10 -26.85 11.59
C VAL A 516 -0.55 -27.49 10.31
N LYS A 517 -0.11 -28.77 10.37
CA LYS A 517 0.41 -29.54 9.24
C LYS A 517 -0.64 -29.72 8.11
N ASP A 518 -1.94 -29.88 8.48
CA ASP A 518 -3.03 -30.03 7.52
C ASP A 518 -3.28 -28.72 6.80
N VAL A 519 -3.34 -27.58 7.53
CA VAL A 519 -3.47 -26.23 6.95
C VAL A 519 -2.27 -25.97 6.03
N ILE A 520 -1.03 -26.25 6.49
CA ILE A 520 0.18 -26.09 5.69
C ILE A 520 0.11 -26.90 4.40
N ILE A 521 -0.37 -28.16 4.48
CA ILE A 521 -0.50 -29.03 3.31
C ILE A 521 -1.59 -28.56 2.35
N ASN A 522 -2.72 -28.09 2.90
CA ASN A 522 -3.83 -27.58 2.10
C ASN A 522 -3.42 -26.38 1.27
N GLN A 523 -2.63 -25.44 1.83
CA GLN A 523 -2.19 -24.28 1.03
C GLN A 523 -1.12 -24.67 0.03
N LYS A 524 -0.14 -25.51 0.44
CA LYS A 524 0.92 -25.97 -0.46
C LYS A 524 0.33 -26.70 -1.69
N VAL A 525 -0.74 -27.49 -1.53
CA VAL A 525 -1.40 -28.21 -2.63
C VAL A 525 -2.19 -27.23 -3.50
N THR A 526 -2.95 -26.33 -2.85
CA THR A 526 -3.74 -25.31 -3.54
C THR A 526 -2.85 -24.55 -4.49
N ASP A 527 -1.73 -24.00 -3.94
CA ASP A 527 -0.70 -23.24 -4.65
C ASP A 527 -0.21 -24.03 -5.87
N LYS A 528 0.28 -25.26 -5.66
CA LYS A 528 0.74 -26.12 -6.74
C LYS A 528 -0.30 -26.33 -7.86
N VAL A 529 -1.53 -26.70 -7.51
CA VAL A 529 -2.64 -26.89 -8.47
C VAL A 529 -2.97 -25.61 -9.26
N ASP A 530 -2.94 -24.43 -8.59
CA ASP A 530 -3.16 -23.10 -9.20
C ASP A 530 -2.06 -22.80 -10.25
N ASN A 531 -0.84 -23.35 -10.03
CA ASN A 531 0.25 -23.22 -10.97
C ASN A 531 -0.11 -24.06 -12.16
N LEU A 532 -0.43 -25.34 -11.94
CA LEU A 532 -0.83 -26.28 -13.01
C LEU A 532 -1.98 -25.75 -13.83
N ASN A 533 -2.97 -25.17 -13.17
CA ASN A 533 -4.09 -24.57 -13.87
C ASN A 533 -3.56 -23.59 -14.90
N GLN A 534 -2.75 -22.59 -14.47
CA GLN A 534 -2.12 -21.56 -15.32
C GLN A 534 -1.27 -22.23 -16.40
N ALA A 535 -0.34 -23.13 -15.99
CA ALA A 535 0.52 -23.85 -16.90
C ALA A 535 -0.29 -24.49 -18.04
N VAL A 536 -1.33 -25.27 -17.70
CA VAL A 536 -2.21 -25.92 -18.65
C VAL A 536 -2.89 -24.90 -19.56
N SER A 537 -3.36 -23.78 -18.98
CA SER A 537 -4.00 -22.72 -19.72
C SER A 537 -3.05 -22.09 -20.74
N VAL A 538 -1.78 -21.86 -20.33
CA VAL A 538 -0.78 -21.30 -21.23
C VAL A 538 -0.30 -22.30 -22.29
N ALA A 539 0.02 -23.54 -21.88
CA ALA A 539 0.50 -24.64 -22.74
C ALA A 539 -0.44 -25.01 -23.87
N LYS A 540 -1.74 -25.05 -23.61
CA LYS A 540 -2.71 -25.39 -24.65
C LYS A 540 -3.06 -24.17 -25.55
N ALA A 541 -2.35 -23.06 -25.37
CA ALA A 541 -2.52 -21.85 -26.17
C ALA A 541 -1.28 -21.67 -27.04
N MET A 542 -0.11 -22.06 -26.50
CA MET A 542 1.16 -21.95 -27.19
C MET A 542 1.58 -23.29 -27.77
N GLY A 543 0.88 -24.34 -27.37
CA GLY A 543 1.18 -25.70 -27.84
C GLY A 543 2.37 -26.35 -27.18
N ASP A 544 2.87 -25.81 -26.04
CA ASP A 544 4.01 -26.44 -25.38
C ASP A 544 3.73 -26.93 -23.95
N PHE A 545 3.49 -28.24 -23.81
CA PHE A 545 3.19 -28.86 -22.51
C PHE A 545 4.43 -29.19 -21.67
N SER A 546 5.59 -28.67 -22.06
CA SER A 546 6.83 -28.91 -21.33
C SER A 546 6.75 -28.31 -19.92
N ARG A 547 6.05 -27.16 -19.76
CA ARG A 547 5.89 -26.54 -18.44
C ARG A 547 4.85 -27.31 -17.60
N VAL A 548 3.75 -27.83 -18.21
CA VAL A 548 2.76 -28.62 -17.45
C VAL A 548 3.36 -29.92 -16.92
N GLU A 549 4.33 -30.50 -17.65
CA GLU A 549 5.08 -31.69 -17.26
C GLU A 549 5.83 -31.41 -15.96
N GLN A 550 6.46 -30.21 -15.86
CA GLN A 550 7.22 -29.77 -14.67
C GLN A 550 6.33 -29.78 -13.41
N VAL A 551 5.22 -28.99 -13.43
CA VAL A 551 4.25 -28.83 -12.34
C VAL A 551 3.76 -30.19 -11.80
N LEU A 552 3.45 -31.11 -12.74
CA LEU A 552 2.99 -32.48 -12.49
C LEU A 552 4.03 -33.32 -11.73
N ALA A 553 5.29 -33.31 -12.22
CA ALA A 553 6.39 -34.06 -11.63
C ALA A 553 6.72 -33.54 -10.24
N ASP A 554 6.47 -32.25 -10.01
CA ASP A 554 6.66 -31.62 -8.71
C ASP A 554 5.53 -32.04 -7.76
N LEU A 555 4.28 -32.05 -8.26
CA LEU A 555 3.11 -32.47 -7.51
C LEU A 555 3.21 -33.96 -7.14
N LYS A 556 3.77 -34.78 -8.05
CA LYS A 556 4.00 -36.21 -7.79
C LYS A 556 5.01 -36.32 -6.66
N ASN A 557 6.17 -35.66 -6.81
CA ASN A 557 7.25 -35.65 -5.83
C ASN A 557 6.81 -35.11 -4.47
N PHE A 558 5.89 -34.14 -4.46
CA PHE A 558 5.34 -33.58 -3.22
C PHE A 558 4.45 -34.61 -2.52
N SER A 559 3.66 -35.37 -3.30
CA SER A 559 2.77 -36.41 -2.80
C SER A 559 3.61 -37.49 -2.13
N LYS A 560 4.67 -37.98 -2.83
CA LYS A 560 5.64 -38.98 -2.33
C LYS A 560 6.24 -38.51 -1.00
N GLU A 561 6.74 -37.25 -0.96
CA GLU A 561 7.33 -36.60 0.22
C GLU A 561 6.33 -36.65 1.39
N GLN A 562 5.04 -36.37 1.11
CA GLN A 562 3.96 -36.35 2.10
C GLN A 562 3.39 -37.72 2.45
N LEU A 563 3.44 -38.68 1.51
CA LEU A 563 2.98 -40.05 1.74
C LEU A 563 4.01 -40.76 2.62
N ALA A 564 5.31 -40.44 2.45
CA ALA A 564 6.43 -40.98 3.21
C ALA A 564 6.41 -40.41 4.65
N GLN A 565 6.04 -39.12 4.81
CA GLN A 565 5.92 -38.46 6.11
C GLN A 565 4.67 -38.95 6.90
N GLN A 566 3.65 -39.46 6.18
CA GLN A 566 2.43 -40.05 6.75
C GLN A 566 2.80 -41.48 7.20
N ALA A 567 3.66 -42.17 6.40
CA ALA A 567 4.16 -43.53 6.63
C ALA A 567 5.28 -43.61 7.70
N GLN A 568 5.77 -42.46 8.21
CA GLN A 568 6.80 -42.41 9.25
C GLN A 568 6.22 -42.11 10.66
N LYS A 569 4.92 -42.45 10.86
CA LYS A 569 4.20 -42.27 12.12
C LYS A 569 4.16 -43.62 12.85
#